data_6NQG
#
_entry.id   6NQG
#
_cell.length_a   44.410
_cell.length_b   54.680
_cell.length_c   173.470
_cell.angle_alpha   90.00
_cell.angle_beta   90.00
_cell.angle_gamma   90.00
#
_symmetry.space_group_name_H-M   'P 21 21 21'
#
loop_
_entity.id
_entity.type
_entity.pdbx_description
1 polymer Phosphoglucomutase
2 non-polymer 'CALCIUM ION'
3 non-polymer (1S)-1,5-anhydro-1-(phosphonomethyl)-D-glucitol
4 water water
#
_entity_poly.entity_id   1
_entity_poly.type   'polypeptide(L)'
_entity_poly.pdbx_seq_one_letter_code
;MGSSHHHHHHSSENLYFQSHMTLPAFKAYDIRGRVPDELNEDLARRIGVALAAQLDQGPVVLGHDVRLASPALQEALSAG
LRASGRDVIDIGLCGTEEVYFQTDYLKAAGGVMVTA(SEP)HNPMDYNGMKLVREQARPISSDTGLFAIRDTVAADTAAP
GEPTASEQSRTDKTAYLEHLLSYVDRSTLKPLKLVVNAGNGGAGLIVDLLAPHLPFEFVRVFHEPDGNFPNGIPNPLLPE
NRDATAKAVKDNGADFGIAWDGDFDRCFFFDHTGRFIEGYYLVGLLAQAILAKQPGGKVVHDPRLTWNTVEQVEEAGGIP
VLCKSGHAFIKEKMRSENAVYGGEMSAHHYFREFAYADSGMIPWLLIAELVSQSGRSLADLVEARMQKFPCSGEINFKVA
DAKASVARVMEHYASLSPELDYTDGISADFGQWRFNLRSSNTEPLLRLNVETRGDAALLETRTQEISNLLRG
;
_entity_poly.pdbx_strand_id   A
#
loop_
_chem_comp.id
_chem_comp.type
_chem_comp.name
_chem_comp.formula
CA non-polymer 'CALCIUM ION' 'Ca 2'
GPM D-saccharide (1S)-1,5-anhydro-1-(phosphonomethyl)-D-glucitol 'C7 H15 O8 P'
#
# COMPACT_ATOMS: atom_id res chain seq x y z
N MET A 21 3.93 24.48 18.61
CA MET A 21 3.25 23.81 17.51
C MET A 21 2.92 22.36 17.87
N THR A 22 2.77 21.51 16.86
CA THR A 22 2.67 20.08 17.06
C THR A 22 3.75 19.37 16.24
N LEU A 23 4.08 18.16 16.66
CA LEU A 23 5.17 17.44 16.01
C LEU A 23 4.84 17.18 14.54
N PRO A 24 5.72 17.52 13.61
CA PRO A 24 5.38 17.38 12.18
C PRO A 24 5.41 15.94 11.66
N ALA A 25 6.16 15.02 12.28
CA ALA A 25 6.25 13.67 11.73
C ALA A 25 4.93 12.92 11.77
N PHE A 26 3.99 13.33 12.64
CA PHE A 26 2.73 12.59 12.83
C PHE A 26 1.72 13.00 11.78
N LYS A 27 1.66 12.22 10.70
CA LYS A 27 0.72 12.50 9.62
C LYS A 27 -0.62 11.86 9.96
N ALA A 28 -1.52 11.75 8.99
CA ALA A 28 -2.86 11.20 9.25
C ALA A 28 -2.82 9.71 9.51
N TYR A 29 -2.16 8.94 8.64
CA TYR A 29 -2.18 7.48 8.71
C TYR A 29 -0.96 6.88 9.38
N ASP A 30 0.07 7.68 9.65
CA ASP A 30 1.35 7.15 10.09
C ASP A 30 2.33 8.25 10.44
N ILE A 31 3.53 7.86 10.81
CA ILE A 31 4.60 8.76 11.17
C ILE A 31 5.60 8.79 10.02
N ARG A 32 5.75 9.94 9.38
CA ARG A 32 6.72 10.16 8.31
C ARG A 32 7.52 11.42 8.61
N GLY A 33 8.85 11.31 8.66
CA GLY A 33 9.66 12.49 8.87
C GLY A 33 11.06 12.34 8.32
N ARG A 34 11.78 13.47 8.29
CA ARG A 34 13.20 13.47 7.97
C ARG A 34 14.02 13.12 9.21
N VAL A 35 14.98 12.20 9.06
CA VAL A 35 15.87 11.87 10.16
C VAL A 35 17.08 12.80 10.04
N PRO A 36 17.59 13.38 11.13
CA PRO A 36 17.09 13.26 12.51
C PRO A 36 16.30 14.46 13.01
N ASP A 37 15.75 15.27 12.11
CA ASP A 37 15.11 16.51 12.52
C ASP A 37 13.69 16.26 13.02
N GLU A 38 12.84 15.67 12.18
CA GLU A 38 11.47 15.41 12.59
C GLU A 38 11.29 14.07 13.31
N LEU A 39 12.22 13.13 13.12
CA LEU A 39 12.14 11.79 13.70
C LEU A 39 13.56 11.33 14.06
N ASN A 40 13.71 10.84 15.28
CA ASN A 40 15.01 10.44 15.80
C ASN A 40 14.79 9.39 16.88
N GLU A 41 15.90 8.93 17.47
CA GLU A 41 15.83 7.82 18.41
C GLU A 41 15.07 8.18 19.68
N ASP A 42 15.26 9.39 20.20
N ASP A 42 15.29 9.38 20.21
CA ASP A 42 14.55 9.75 21.43
CA ASP A 42 14.57 9.80 21.42
C ASP A 42 13.07 9.87 21.17
C ASP A 42 13.08 9.87 21.17
N LEU A 43 12.68 10.45 20.04
CA LEU A 43 11.27 10.47 19.66
C LEU A 43 10.74 9.05 19.49
N ALA A 44 11.50 8.18 18.82
N ALA A 44 11.50 8.17 18.84
CA ALA A 44 11.09 6.79 18.64
CA ALA A 44 11.07 6.79 18.65
C ALA A 44 10.85 6.10 19.98
C ALA A 44 10.87 6.10 19.98
N ARG A 45 11.81 6.27 20.91
CA ARG A 45 11.67 5.65 22.23
C ARG A 45 10.44 6.19 22.95
N ARG A 46 10.22 7.50 22.90
CA ARG A 46 9.03 8.06 23.51
C ARG A 46 7.76 7.52 22.85
N ILE A 47 7.78 7.36 21.53
CA ILE A 47 6.66 6.71 20.85
C ILE A 47 6.46 5.31 21.43
N GLY A 48 7.55 4.62 21.77
CA GLY A 48 7.41 3.29 22.35
C GLY A 48 6.67 3.31 23.68
N VAL A 49 7.06 4.23 24.56
CA VAL A 49 6.39 4.35 25.85
C VAL A 49 4.92 4.72 25.67
N ALA A 50 4.64 5.62 24.74
CA ALA A 50 3.27 6.05 24.55
C ALA A 50 2.42 4.93 23.97
N LEU A 51 3.01 4.14 23.08
CA LEU A 51 2.24 3.04 22.48
C LEU A 51 1.86 1.99 23.51
N ALA A 52 2.75 1.73 24.47
CA ALA A 52 2.45 0.74 25.52
C ALA A 52 1.18 1.11 26.27
N ALA A 53 0.87 2.41 26.37
N ALA A 53 0.87 2.41 26.37
CA ALA A 53 -0.33 2.87 27.08
CA ALA A 53 -0.33 2.87 27.08
C ALA A 53 -1.58 2.81 26.22
C ALA A 53 -1.59 2.82 26.22
N GLN A 54 -1.46 2.64 24.92
CA GLN A 54 -2.63 2.58 24.05
C GLN A 54 -3.12 1.17 23.75
N LEU A 55 -2.26 0.17 23.83
CA LEU A 55 -2.63 -1.16 23.37
C LEU A 55 -3.33 -1.94 24.47
N ASP A 56 -4.21 -2.86 24.06
CA ASP A 56 -4.66 -3.89 24.98
C ASP A 56 -3.45 -4.76 25.35
N GLN A 57 -3.67 -5.85 26.07
CA GLN A 57 -2.54 -6.59 26.60
C GLN A 57 -1.94 -7.50 25.54
N GLY A 58 -0.62 -7.73 25.67
CA GLY A 58 0.08 -8.63 24.79
C GLY A 58 1.40 -8.04 24.34
N PRO A 59 2.18 -8.83 23.62
CA PRO A 59 3.48 -8.34 23.13
C PRO A 59 3.30 -7.47 21.90
N VAL A 60 4.38 -6.82 21.52
CA VAL A 60 4.41 -5.93 20.38
C VAL A 60 5.39 -6.46 19.36
N VAL A 61 4.95 -6.59 18.12
CA VAL A 61 5.80 -7.06 17.03
C VAL A 61 6.47 -5.84 16.40
N LEU A 62 7.78 -5.94 16.16
N LEU A 62 7.78 -5.95 16.13
CA LEU A 62 8.54 -4.88 15.52
CA LEU A 62 8.57 -4.89 15.53
C LEU A 62 9.20 -5.45 14.27
C LEU A 62 9.28 -5.41 14.29
N GLY A 63 9.25 -4.61 13.23
CA GLY A 63 9.98 -4.92 12.01
C GLY A 63 10.53 -3.64 11.43
N HIS A 64 11.47 -3.77 10.51
CA HIS A 64 12.04 -2.60 9.86
C HIS A 64 12.37 -2.93 8.41
N ASP A 65 12.58 -1.88 7.62
CA ASP A 65 12.85 -2.01 6.19
C ASP A 65 14.35 -1.82 5.94
N VAL A 66 14.73 -1.67 4.67
CA VAL A 66 16.17 -1.61 4.36
C VAL A 66 16.83 -0.29 4.69
N ARG A 67 16.08 0.73 5.08
CA ARG A 67 16.69 2.06 5.18
C ARG A 67 17.76 2.11 6.27
N LEU A 68 18.74 3.01 6.08
CA LEU A 68 19.95 2.91 6.89
C LEU A 68 19.65 3.16 8.37
N ALA A 69 18.70 4.05 8.66
N ALA A 69 18.71 4.06 8.67
CA ALA A 69 18.38 4.45 10.02
CA ALA A 69 18.40 4.44 10.03
C ALA A 69 17.43 3.50 10.71
C ALA A 69 17.24 3.66 10.63
N SER A 70 16.77 2.61 9.96
CA SER A 70 15.64 1.85 10.50
C SER A 70 15.99 0.89 11.64
N PRO A 71 17.14 0.21 11.65
CA PRO A 71 17.49 -0.60 12.84
C PRO A 71 17.64 0.22 14.11
N ALA A 72 18.33 1.37 14.04
N ALA A 72 18.32 1.37 14.03
CA ALA A 72 18.52 2.20 15.23
CA ALA A 72 18.53 2.19 15.22
C ALA A 72 17.20 2.73 15.75
C ALA A 72 17.20 2.74 15.75
N LEU A 73 16.27 3.06 14.84
CA LEU A 73 14.96 3.52 15.27
C LEU A 73 14.17 2.39 15.93
N GLN A 74 14.26 1.18 15.39
CA GLN A 74 13.61 0.03 16.01
C GLN A 74 14.18 -0.26 17.39
N GLU A 75 15.51 -0.21 17.53
CA GLU A 75 16.13 -0.48 18.82
C GLU A 75 15.65 0.52 19.87
N ALA A 76 15.58 1.80 19.50
N ALA A 76 15.58 1.80 19.48
CA ALA A 76 15.07 2.81 20.42
CA ALA A 76 15.04 2.83 20.37
C ALA A 76 13.59 2.59 20.71
C ALA A 76 13.60 2.53 20.73
N LEU A 77 12.82 2.18 19.69
N LEU A 77 12.78 2.23 19.72
CA LEU A 77 11.42 1.90 19.89
CA LEU A 77 11.37 1.92 19.95
C LEU A 77 11.21 0.69 20.81
C LEU A 77 11.20 0.68 20.83
N SER A 78 12.04 -0.34 20.64
CA SER A 78 11.96 -1.50 21.52
C SER A 78 12.29 -1.11 22.97
N ALA A 79 13.30 -0.27 23.16
N ALA A 79 13.31 -0.28 23.17
CA ALA A 79 13.72 0.10 24.52
CA ALA A 79 13.71 0.09 24.52
C ALA A 79 12.62 0.83 25.27
C ALA A 79 12.58 0.80 25.25
N GLY A 80 11.95 1.77 24.60
CA GLY A 80 10.82 2.45 25.22
C GLY A 80 9.71 1.47 25.58
N LEU A 81 9.44 0.51 24.68
CA LEU A 81 8.41 -0.48 24.93
C LEU A 81 8.79 -1.37 26.10
N ARG A 82 10.03 -1.81 26.16
CA ARG A 82 10.37 -2.75 27.22
C ARG A 82 10.55 -2.04 28.54
N ALA A 83 10.88 -0.75 28.51
N ALA A 83 10.89 -0.75 28.52
CA ALA A 83 10.90 0.04 29.74
CA ALA A 83 10.90 0.04 29.74
C ALA A 83 9.50 0.13 30.36
C ALA A 83 9.50 0.17 30.34
N SER A 84 8.45 0.02 29.53
CA SER A 84 7.08 0.10 30.00
C SER A 84 6.43 -1.28 30.11
N GLY A 85 7.23 -2.34 30.18
CA GLY A 85 6.72 -3.65 30.51
C GLY A 85 6.08 -4.42 29.40
N ARG A 86 6.37 -4.09 28.15
CA ARG A 86 5.85 -4.85 27.02
C ARG A 86 6.96 -5.70 26.44
N ASP A 87 6.67 -6.99 26.22
CA ASP A 87 7.60 -7.84 25.50
C ASP A 87 7.58 -7.47 24.02
N VAL A 88 8.75 -7.47 23.41
CA VAL A 88 8.91 -7.15 22.00
C VAL A 88 9.23 -8.42 21.24
N ILE A 89 8.65 -8.58 20.06
CA ILE A 89 8.98 -9.66 19.15
C ILE A 89 9.60 -9.02 17.94
N ASP A 90 10.90 -9.24 17.76
CA ASP A 90 11.66 -8.66 16.67
C ASP A 90 11.67 -9.65 15.52
N ILE A 91 11.00 -9.29 14.41
CA ILE A 91 11.03 -10.14 13.23
C ILE A 91 12.03 -9.65 12.21
N GLY A 92 12.78 -8.58 12.51
CA GLY A 92 13.92 -8.18 11.71
C GLY A 92 13.54 -7.48 10.42
N LEU A 93 14.50 -7.52 9.48
CA LEU A 93 14.31 -7.01 8.12
C LEU A 93 13.10 -7.67 7.48
N CYS A 94 12.16 -6.87 7.00
CA CYS A 94 10.89 -7.43 6.53
C CYS A 94 10.17 -6.36 5.72
N GLY A 95 9.06 -6.77 5.12
CA GLY A 95 8.16 -5.83 4.49
C GLY A 95 6.97 -5.54 5.38
N THR A 96 6.27 -4.45 5.04
CA THR A 96 5.24 -3.94 5.94
C THR A 96 4.17 -4.98 6.20
N GLU A 97 3.81 -5.77 5.17
CA GLU A 97 2.76 -6.77 5.34
C GLU A 97 3.16 -7.85 6.35
N GLU A 98 4.46 -8.08 6.54
CA GLU A 98 4.86 -9.12 7.49
C GLU A 98 4.60 -8.68 8.92
N VAL A 99 4.75 -7.38 9.22
CA VAL A 99 4.38 -6.90 10.54
C VAL A 99 2.89 -7.06 10.75
N TYR A 100 2.09 -6.74 9.73
CA TYR A 100 0.66 -6.95 9.80
C TYR A 100 0.34 -8.42 10.07
N PHE A 101 0.89 -9.32 9.23
N PHE A 101 0.89 -9.32 9.23
CA PHE A 101 0.58 -10.75 9.34
CA PHE A 101 0.57 -10.73 9.35
C PHE A 101 1.06 -11.33 10.66
C PHE A 101 1.04 -11.30 10.68
N GLN A 102 2.29 -10.99 11.08
CA GLN A 102 2.81 -11.55 12.31
C GLN A 102 2.05 -11.04 13.53
N THR A 103 1.61 -9.76 13.51
CA THR A 103 0.80 -9.21 14.61
C THR A 103 -0.49 -10.01 14.79
N ASP A 104 -1.19 -10.29 13.68
N ASP A 104 -1.20 -10.25 13.69
CA ASP A 104 -2.39 -11.10 13.76
CA ASP A 104 -2.39 -11.11 13.76
C ASP A 104 -2.06 -12.56 14.05
C ASP A 104 -2.01 -12.54 14.11
N TYR A 105 -1.03 -13.11 13.42
CA TYR A 105 -0.69 -14.53 13.60
C TYR A 105 -0.33 -14.84 15.05
N LEU A 106 0.53 -14.02 15.64
CA LEU A 106 0.96 -14.26 16.99
C LEU A 106 0.01 -13.68 18.02
N LYS A 107 -1.16 -13.19 17.61
CA LYS A 107 -2.13 -12.62 18.55
C LYS A 107 -1.47 -11.58 19.44
N ALA A 108 -0.62 -10.75 18.84
CA ALA A 108 0.05 -9.71 19.60
C ALA A 108 -0.89 -8.54 19.89
N ALA A 109 -0.49 -7.68 20.84
CA ALA A 109 -1.26 -6.48 21.15
C ALA A 109 -1.13 -5.45 20.03
N GLY A 110 0.02 -5.38 19.38
CA GLY A 110 0.15 -4.57 18.18
C GLY A 110 1.49 -4.76 17.50
N GLY A 111 1.73 -3.92 16.51
CA GLY A 111 2.97 -4.01 15.76
C GLY A 111 3.35 -2.67 15.20
N VAL A 112 4.64 -2.52 14.92
CA VAL A 112 5.16 -1.28 14.36
C VAL A 112 6.18 -1.59 13.30
N MET A 113 5.97 -1.05 12.11
N MET A 113 5.96 -1.06 12.11
CA MET A 113 6.91 -1.19 11.00
CA MET A 113 6.91 -1.18 11.02
C MET A 113 7.67 0.12 10.84
C MET A 113 7.66 0.14 10.90
N VAL A 114 8.99 0.06 11.02
CA VAL A 114 9.86 1.20 10.73
C VAL A 114 10.13 1.20 9.22
N THR A 115 9.63 2.22 8.53
CA THR A 115 9.77 2.35 7.08
C THR A 115 9.34 3.73 6.64
N ALA A 116 9.83 4.14 5.47
CA ALA A 116 9.38 5.38 4.84
C ALA A 116 8.84 5.13 3.44
N SEP A 117 8.42 3.88 3.20
CA SEP A 117 7.74 3.46 1.96
CB SEP A 117 6.33 4.12 1.85
OG SEP A 117 5.43 3.43 0.96
C SEP A 117 8.61 3.79 0.75
O SEP A 117 9.60 3.11 0.47
P SEP A 117 3.88 3.95 1.06
O1P SEP A 117 3.48 4.21 2.60
O2P SEP A 117 2.84 2.91 0.43
O3P SEP A 117 3.65 5.35 0.29
N HIS A 118 8.24 4.86 0.06
CA HIS A 118 8.79 5.18 -1.24
C HIS A 118 9.50 6.54 -1.26
N ASN A 119 9.78 7.08 -0.07
CA ASN A 119 10.17 8.46 0.13
C ASN A 119 11.69 8.63 0.13
N PRO A 120 12.20 9.91 0.04
CA PRO A 120 13.65 10.14 -0.16
C PRO A 120 14.60 9.47 0.82
N MET A 121 15.90 9.66 0.56
CA MET A 121 16.95 8.92 1.26
C MET A 121 17.02 9.29 2.74
N ASP A 122 16.78 10.56 3.08
CA ASP A 122 16.91 11.05 4.44
C ASP A 122 15.63 10.91 5.25
N TYR A 123 14.66 10.14 4.76
CA TYR A 123 13.39 9.96 5.43
C TYR A 123 13.31 8.59 6.10
N ASN A 124 12.56 8.54 7.20
CA ASN A 124 12.09 7.29 7.77
C ASN A 124 10.75 7.56 8.41
N GLY A 125 10.17 6.53 9.01
CA GLY A 125 8.85 6.66 9.61
C GLY A 125 8.42 5.36 10.26
N MET A 126 7.14 5.34 10.65
CA MET A 126 6.56 4.15 11.25
C MET A 126 5.10 4.03 10.88
N LYS A 127 4.69 2.79 10.63
CA LYS A 127 3.29 2.42 10.49
C LYS A 127 2.91 1.59 11.70
N LEU A 128 1.78 1.92 12.33
CA LEU A 128 1.40 1.33 13.60
C LEU A 128 0.07 0.59 13.47
N VAL A 129 -0.02 -0.58 14.09
CA VAL A 129 -1.26 -1.35 14.15
C VAL A 129 -1.50 -1.81 15.59
N ARG A 130 -2.76 -2.04 15.92
CA ARG A 130 -3.10 -2.67 17.19
C ARG A 130 -3.48 -4.13 16.93
N GLU A 131 -4.31 -4.71 17.78
CA GLU A 131 -4.61 -6.14 17.68
C GLU A 131 -5.24 -6.47 16.33
N GLN A 132 -4.98 -7.69 15.86
CA GLN A 132 -5.43 -8.13 14.54
C GLN A 132 -5.00 -7.19 13.43
N ALA A 133 -3.92 -6.46 13.64
CA ALA A 133 -3.36 -5.56 12.64
C ALA A 133 -4.31 -4.43 12.26
N ARG A 134 -5.24 -4.09 13.15
CA ARG A 134 -6.10 -2.94 12.90
C ARG A 134 -5.26 -1.68 12.88
N PRO A 135 -5.46 -0.77 11.92
CA PRO A 135 -4.58 0.40 11.84
C PRO A 135 -4.83 1.39 12.97
N ILE A 136 -3.75 2.01 13.42
CA ILE A 136 -3.80 3.14 14.33
C ILE A 136 -3.62 4.39 13.50
N SER A 137 -4.68 5.19 13.40
CA SER A 137 -4.68 6.45 12.67
C SER A 137 -4.70 7.61 13.66
N SER A 138 -4.51 8.82 13.12
CA SER A 138 -4.79 10.03 13.89
C SER A 138 -6.17 9.98 14.51
N ASP A 139 -7.15 9.54 13.72
CA ASP A 139 -8.50 9.31 14.22
C ASP A 139 -8.52 8.41 15.46
N THR A 140 -7.67 7.38 15.50
CA THR A 140 -7.87 6.24 16.38
C THR A 140 -6.64 5.94 17.21
N GLY A 141 -6.01 6.96 17.78
CA GLY A 141 -4.98 6.78 18.79
C GLY A 141 -3.62 7.36 18.43
N LEU A 142 -3.33 7.53 17.13
CA LEU A 142 -2.03 8.06 16.74
C LEU A 142 -1.84 9.49 17.20
N PHE A 143 -2.90 10.29 17.23
CA PHE A 143 -2.75 11.64 17.75
C PHE A 143 -2.74 11.66 19.26
N ALA A 144 -3.35 10.66 19.90
CA ALA A 144 -3.19 10.50 21.34
C ALA A 144 -1.77 10.10 21.70
N ILE A 145 -1.11 9.33 20.84
CA ILE A 145 0.32 9.06 21.02
C ILE A 145 1.12 10.32 20.83
N ARG A 146 0.88 11.04 19.73
CA ARG A 146 1.54 12.32 19.49
C ARG A 146 1.44 13.24 20.71
N ASP A 147 0.23 13.42 21.23
CA ASP A 147 0.04 14.29 22.40
C ASP A 147 0.80 13.78 23.60
N THR A 148 0.77 12.47 23.86
CA THR A 148 1.53 11.91 24.96
C THR A 148 3.02 12.17 24.78
N VAL A 149 3.57 11.86 23.60
CA VAL A 149 4.99 12.07 23.33
C VAL A 149 5.37 13.55 23.48
N ALA A 150 4.54 14.44 22.93
CA ALA A 150 4.81 15.87 23.03
C ALA A 150 5.02 16.30 24.47
N ALA A 151 4.26 15.71 25.40
CA ALA A 151 4.34 16.11 26.80
C ALA A 151 5.33 15.27 27.60
N ASP A 152 5.67 14.08 27.15
CA ASP A 152 6.52 13.23 27.96
C ASP A 152 7.90 13.85 28.15
N THR A 153 8.14 14.33 29.36
CA THR A 153 9.39 14.91 29.77
C THR A 153 10.23 13.97 30.62
N ALA A 154 9.74 12.78 30.89
CA ALA A 154 10.37 11.86 31.83
C ALA A 154 11.63 11.25 31.24
N ALA A 155 12.50 10.77 32.13
CA ALA A 155 13.74 10.10 31.77
C ALA A 155 13.48 8.64 31.38
N PRO A 156 14.24 8.10 30.44
CA PRO A 156 14.02 6.71 30.03
C PRO A 156 14.22 5.74 31.18
N GLY A 157 13.25 4.87 31.38
CA GLY A 157 13.39 3.83 32.37
C GLY A 157 14.21 2.67 31.85
N GLU A 158 14.49 1.71 32.75
CA GLU A 158 15.26 0.61 32.21
C GLU A 158 14.36 -0.53 31.73
N PRO A 159 14.77 -1.24 30.67
CA PRO A 159 14.10 -2.49 30.27
C PRO A 159 13.67 -3.40 31.42
N THR A 160 12.35 -3.60 31.56
CA THR A 160 11.78 -4.60 32.45
C THR A 160 11.11 -5.74 31.71
N ALA A 161 11.19 -5.76 30.37
CA ALA A 161 10.63 -6.83 29.57
C ALA A 161 11.65 -7.29 28.54
N SER A 162 11.37 -8.42 27.90
CA SER A 162 12.34 -9.08 27.06
C SER A 162 12.08 -8.77 25.58
N GLU A 163 13.04 -9.16 24.75
CA GLU A 163 12.92 -9.09 23.31
C GLU A 163 13.19 -10.49 22.78
N GLN A 164 12.22 -11.07 22.09
CA GLN A 164 12.37 -12.35 21.41
C GLN A 164 12.64 -12.11 19.93
N SER A 165 13.61 -12.82 19.40
CA SER A 165 13.99 -12.72 18.00
C SER A 165 13.25 -13.82 17.25
N ARG A 166 12.29 -13.43 16.41
CA ARG A 166 11.48 -14.39 15.65
C ARG A 166 11.58 -14.04 14.18
N THR A 167 12.68 -14.41 13.54
CA THR A 167 12.93 -14.10 12.13
C THR A 167 12.40 -15.15 11.17
N ASP A 168 11.76 -16.21 11.64
CA ASP A 168 11.30 -17.28 10.75
C ASP A 168 10.04 -16.86 10.01
N LYS A 169 10.07 -16.98 8.69
CA LYS A 169 8.98 -16.52 7.85
C LYS A 169 8.10 -17.67 7.35
N THR A 170 8.26 -18.86 7.91
CA THR A 170 7.61 -20.05 7.36
C THR A 170 6.10 -19.88 7.30
N ALA A 171 5.48 -19.47 8.42
CA ALA A 171 4.04 -19.25 8.45
C ALA A 171 3.59 -18.20 7.43
N TYR A 172 4.34 -17.10 7.33
CA TYR A 172 4.02 -16.10 6.32
C TYR A 172 4.10 -16.71 4.92
N LEU A 173 5.23 -17.35 4.60
CA LEU A 173 5.42 -18.01 3.30
C LEU A 173 4.32 -19.01 3.03
N GLU A 174 4.04 -19.88 4.01
CA GLU A 174 3.01 -20.89 3.80
C GLU A 174 1.67 -20.22 3.55
N HIS A 175 1.43 -19.10 4.20
CA HIS A 175 0.19 -18.39 3.99
C HIS A 175 0.09 -17.89 2.55
N LEU A 176 1.14 -17.24 2.07
CA LEU A 176 1.13 -16.69 0.71
C LEU A 176 0.83 -17.77 -0.32
N LEU A 177 1.49 -18.94 -0.21
CA LEU A 177 1.33 -20.01 -1.19
C LEU A 177 -0.07 -20.60 -1.18
N SER A 178 -0.82 -20.44 -0.08
CA SER A 178 -2.13 -21.05 0.05
C SER A 178 -3.19 -20.41 -0.83
N TYR A 179 -2.91 -19.27 -1.44
CA TYR A 179 -3.85 -18.59 -2.32
C TYR A 179 -3.92 -19.21 -3.71
N VAL A 180 -2.95 -20.04 -4.10
CA VAL A 180 -2.92 -20.56 -5.46
C VAL A 180 -2.76 -22.07 -5.43
N ASP A 181 -3.22 -22.69 -6.51
CA ASP A 181 -3.12 -24.13 -6.72
C ASP A 181 -1.81 -24.39 -7.43
N ARG A 182 -0.79 -24.80 -6.67
CA ARG A 182 0.55 -24.89 -7.22
C ARG A 182 0.65 -25.89 -8.36
N SER A 183 -0.30 -26.82 -8.47
CA SER A 183 -0.23 -27.80 -9.55
C SER A 183 -0.83 -27.29 -10.84
N THR A 184 -1.48 -26.11 -10.81
CA THR A 184 -1.96 -25.49 -12.04
C THR A 184 -0.99 -24.47 -12.61
N LEU A 185 0.16 -24.28 -11.98
CA LEU A 185 1.04 -23.20 -12.39
C LEU A 185 1.98 -23.67 -13.50
N LYS A 186 2.11 -22.83 -14.52
CA LYS A 186 3.02 -23.04 -15.63
C LYS A 186 4.36 -22.38 -15.35
N PRO A 187 5.45 -22.87 -15.99
CA PRO A 187 6.77 -22.24 -15.79
C PRO A 187 6.90 -20.88 -16.46
N LEU A 188 6.13 -19.90 -16.00
CA LEU A 188 6.18 -18.56 -16.56
C LEU A 188 7.52 -17.89 -16.27
N LYS A 189 7.89 -16.97 -17.14
CA LYS A 189 9.07 -16.15 -16.98
C LYS A 189 8.63 -14.78 -16.48
N LEU A 190 9.08 -14.42 -15.28
CA LEU A 190 8.67 -13.18 -14.62
C LEU A 190 9.88 -12.33 -14.32
N VAL A 191 9.80 -11.06 -14.69
CA VAL A 191 10.77 -10.09 -14.20
C VAL A 191 10.30 -9.57 -12.85
N VAL A 192 11.22 -9.49 -11.88
CA VAL A 192 10.90 -8.91 -10.57
C VAL A 192 11.90 -7.78 -10.32
N ASN A 193 11.39 -6.62 -9.90
CA ASN A 193 12.22 -5.44 -9.68
C ASN A 193 11.91 -4.98 -8.25
N ALA A 194 12.79 -5.37 -7.33
CA ALA A 194 12.64 -5.02 -5.93
C ALA A 194 13.11 -3.61 -5.63
N GLY A 195 13.72 -2.94 -6.61
CA GLY A 195 14.27 -1.59 -6.43
C GLY A 195 15.25 -1.47 -5.29
N ASN A 196 15.97 -2.55 -4.98
CA ASN A 196 16.86 -2.60 -3.82
C ASN A 196 16.11 -2.42 -2.51
N GLY A 197 14.79 -2.53 -2.53
CA GLY A 197 14.00 -2.66 -1.32
C GLY A 197 14.08 -4.08 -0.80
N GLY A 198 13.01 -4.52 -0.14
CA GLY A 198 13.06 -5.77 0.57
C GLY A 198 12.37 -6.91 -0.12
N ALA A 199 11.72 -6.66 -1.27
CA ALA A 199 10.88 -7.68 -1.90
C ALA A 199 11.67 -8.89 -2.39
N GLY A 200 12.91 -8.71 -2.84
CA GLY A 200 13.66 -9.84 -3.39
C GLY A 200 13.88 -10.97 -2.39
N LEU A 201 13.92 -10.63 -1.10
CA LEU A 201 14.11 -11.67 -0.10
C LEU A 201 12.90 -12.60 -0.06
N ILE A 202 11.70 -12.05 -0.15
CA ILE A 202 10.53 -12.91 -0.19
C ILE A 202 10.49 -13.71 -1.48
N VAL A 203 10.81 -13.07 -2.60
CA VAL A 203 10.87 -13.80 -3.88
C VAL A 203 11.81 -15.00 -3.79
N ASP A 204 12.98 -14.80 -3.19
CA ASP A 204 13.97 -15.86 -3.17
C ASP A 204 13.58 -16.99 -2.23
N LEU A 205 12.74 -16.70 -1.25
CA LEU A 205 12.20 -17.73 -0.37
C LEU A 205 11.03 -18.47 -1.01
N LEU A 206 10.27 -17.81 -1.88
CA LEU A 206 9.19 -18.52 -2.54
C LEU A 206 9.68 -19.33 -3.75
N ALA A 207 10.70 -18.85 -4.44
CA ALA A 207 11.19 -19.46 -5.69
C ALA A 207 11.33 -20.98 -5.64
N PRO A 208 11.94 -21.59 -4.62
CA PRO A 208 12.02 -23.07 -4.59
C PRO A 208 10.68 -23.78 -4.63
N HIS A 209 9.57 -23.09 -4.34
CA HIS A 209 8.26 -23.73 -4.26
C HIS A 209 7.41 -23.42 -5.47
N LEU A 210 7.98 -22.79 -6.47
CA LEU A 210 7.27 -22.30 -7.63
C LEU A 210 7.99 -22.75 -8.88
N PRO A 211 7.28 -22.99 -9.97
CA PRO A 211 7.93 -23.38 -11.22
C PRO A 211 8.41 -22.21 -12.08
N PHE A 212 8.24 -20.97 -11.64
CA PHE A 212 8.55 -19.83 -12.49
C PHE A 212 10.06 -19.62 -12.63
N GLU A 213 10.46 -19.06 -13.76
CA GLU A 213 11.81 -18.55 -13.92
C GLU A 213 11.79 -17.06 -13.63
N PHE A 214 12.60 -16.63 -12.69
CA PHE A 214 12.63 -15.23 -12.30
C PHE A 214 13.81 -14.52 -12.96
N VAL A 215 13.58 -13.30 -13.38
CA VAL A 215 14.62 -12.43 -13.93
C VAL A 215 14.74 -11.27 -12.94
N ARG A 216 15.79 -11.27 -12.13
CA ARG A 216 15.87 -10.36 -11.00
C ARG A 216 16.59 -9.08 -11.40
N VAL A 217 15.89 -7.95 -11.29
CA VAL A 217 16.43 -6.61 -11.49
C VAL A 217 16.47 -5.88 -10.17
N PHE A 218 17.55 -5.12 -9.92
CA PHE A 218 17.76 -4.33 -8.71
C PHE A 218 17.36 -5.12 -7.47
N HIS A 219 17.99 -6.27 -7.31
CA HIS A 219 17.46 -7.31 -6.45
C HIS A 219 17.97 -7.23 -5.02
N GLU A 220 19.20 -6.83 -4.82
CA GLU A 220 19.75 -6.95 -3.48
C GLU A 220 19.28 -5.79 -2.61
N PRO A 221 18.93 -6.05 -1.34
CA PRO A 221 18.52 -4.95 -0.46
C PRO A 221 19.68 -4.01 -0.23
N ASP A 222 19.44 -2.72 -0.45
CA ASP A 222 20.52 -1.74 -0.34
C ASP A 222 19.90 -0.40 0.02
N GLY A 223 20.04 0.00 1.29
CA GLY A 223 19.47 1.23 1.79
C GLY A 223 20.11 2.49 1.26
N ASN A 224 21.24 2.39 0.57
CA ASN A 224 21.78 3.54 -0.14
C ASN A 224 21.05 3.79 -1.45
N PHE A 225 20.08 2.94 -1.79
CA PHE A 225 19.38 2.89 -3.07
C PHE A 225 20.28 3.35 -4.22
N PRO A 226 21.28 2.55 -4.61
CA PRO A 226 22.19 2.99 -5.69
C PRO A 226 21.47 3.21 -7.01
N ASN A 227 20.46 2.42 -7.31
CA ASN A 227 19.70 2.59 -8.53
C ASN A 227 18.50 3.51 -8.35
N GLY A 228 18.47 4.29 -7.26
CA GLY A 228 17.39 5.22 -7.01
C GLY A 228 16.38 4.68 -6.01
N ILE A 229 15.56 5.59 -5.50
CA ILE A 229 14.43 5.31 -4.61
C ILE A 229 13.58 4.19 -5.18
N PRO A 230 13.16 3.21 -4.37
CA PRO A 230 12.23 2.22 -4.91
C PRO A 230 10.86 2.84 -5.07
N ASN A 231 10.60 3.34 -6.25
CA ASN A 231 9.32 3.94 -6.57
C ASN A 231 9.10 3.69 -8.04
N PRO A 232 8.31 2.67 -8.38
CA PRO A 232 8.17 2.26 -9.79
C PRO A 232 7.44 3.25 -10.66
N LEU A 233 6.84 4.28 -10.08
CA LEU A 233 6.20 5.32 -10.87
C LEU A 233 7.21 6.30 -11.46
N LEU A 234 8.46 6.29 -10.99
CA LEU A 234 9.49 7.14 -11.58
C LEU A 234 9.99 6.52 -12.87
N PRO A 235 10.12 7.30 -13.96
CA PRO A 235 10.33 6.71 -15.29
C PRO A 235 11.60 5.91 -15.43
N GLU A 236 12.66 6.25 -14.69
CA GLU A 236 13.88 5.45 -14.74
C GLU A 236 13.68 4.08 -14.11
N ASN A 237 12.91 4.00 -13.02
CA ASN A 237 12.58 2.69 -12.45
C ASN A 237 11.59 1.95 -13.35
N ARG A 238 10.64 2.68 -13.93
CA ARG A 238 9.73 2.08 -14.88
C ARG A 238 10.50 1.49 -16.06
N ASP A 239 11.39 2.27 -16.63
CA ASP A 239 12.07 1.82 -17.84
C ASP A 239 12.99 0.64 -17.56
N ALA A 240 13.53 0.53 -16.34
CA ALA A 240 14.37 -0.60 -16.00
C ALA A 240 13.58 -1.90 -16.08
N THR A 241 12.35 -1.90 -15.58
CA THR A 241 11.53 -3.11 -15.56
C THR A 241 10.98 -3.42 -16.95
N ALA A 242 10.42 -2.40 -17.60
CA ALA A 242 9.92 -2.57 -18.97
C ALA A 242 11.00 -3.11 -19.89
N LYS A 243 12.22 -2.64 -19.71
CA LYS A 243 13.30 -3.10 -20.56
C LYS A 243 13.65 -4.56 -20.24
N ALA A 244 13.68 -4.91 -18.96
CA ALA A 244 14.00 -6.29 -18.59
C ALA A 244 12.98 -7.26 -19.19
N VAL A 245 11.72 -6.82 -19.24
CA VAL A 245 10.66 -7.68 -19.72
C VAL A 245 10.82 -7.97 -21.20
N LYS A 246 11.09 -6.92 -22.00
CA LYS A 246 11.21 -7.09 -23.44
C LYS A 246 12.46 -7.86 -23.80
N ASP A 247 13.60 -7.48 -23.20
CA ASP A 247 14.88 -8.13 -23.47
C ASP A 247 14.84 -9.62 -23.21
N ASN A 248 14.10 -10.06 -22.19
CA ASN A 248 14.10 -11.46 -21.80
C ASN A 248 12.84 -12.20 -22.23
N GLY A 249 11.96 -11.56 -22.99
CA GLY A 249 10.69 -12.17 -23.35
C GLY A 249 9.96 -12.76 -22.17
N ALA A 250 9.90 -12.01 -21.07
CA ALA A 250 9.15 -12.43 -19.91
C ALA A 250 7.65 -12.33 -20.17
N ASP A 251 6.89 -13.15 -19.44
CA ASP A 251 5.44 -13.13 -19.54
C ASP A 251 4.86 -11.87 -18.93
N PHE A 252 5.42 -11.41 -17.81
CA PHE A 252 5.11 -10.08 -17.30
C PHE A 252 6.16 -9.74 -16.24
N GLY A 253 6.11 -8.51 -15.78
CA GLY A 253 7.04 -8.03 -14.79
C GLY A 253 6.33 -7.38 -13.63
N ILE A 254 7.00 -7.41 -12.48
CA ILE A 254 6.47 -6.96 -11.20
C ILE A 254 7.51 -6.05 -10.60
N ALA A 255 7.06 -4.91 -10.06
CA ALA A 255 7.92 -3.98 -9.34
C ALA A 255 7.19 -3.56 -8.08
N TRP A 256 7.94 -3.26 -7.03
CA TRP A 256 7.39 -2.92 -5.71
C TRP A 256 7.99 -1.61 -5.23
N ASP A 257 7.34 -0.97 -4.25
CA ASP A 257 8.02 0.05 -3.48
C ASP A 257 8.90 -0.59 -2.40
N GLY A 258 9.58 0.26 -1.62
CA GLY A 258 10.66 -0.22 -0.77
C GLY A 258 10.22 -1.26 0.25
N ASP A 259 9.06 -1.04 0.88
CA ASP A 259 8.50 -1.94 1.88
C ASP A 259 7.47 -2.91 1.29
N PHE A 260 7.51 -3.10 -0.03
CA PHE A 260 6.58 -3.85 -0.89
C PHE A 260 5.13 -4.00 -0.45
N ASP A 261 4.53 -2.99 0.16
CA ASP A 261 3.08 -3.08 0.27
C ASP A 261 2.37 -2.63 -1.01
N ARG A 262 3.09 -2.09 -1.99
CA ARG A 262 2.49 -1.76 -3.28
C ARG A 262 3.15 -2.58 -4.37
N CYS A 263 2.35 -3.08 -5.31
N CYS A 263 2.33 -3.00 -5.34
CA CYS A 263 2.91 -3.84 -6.41
CA CYS A 263 2.73 -3.92 -6.41
C CYS A 263 2.34 -3.36 -7.72
C CYS A 263 2.29 -3.33 -7.75
N PHE A 264 3.21 -3.20 -8.70
CA PHE A 264 2.92 -2.64 -10.02
C PHE A 264 3.28 -3.64 -11.11
N PHE A 265 2.41 -3.77 -12.11
CA PHE A 265 2.54 -4.79 -13.14
C PHE A 265 2.93 -4.21 -14.50
N PHE A 266 3.70 -5.00 -15.26
CA PHE A 266 4.15 -4.71 -16.61
C PHE A 266 3.83 -5.92 -17.47
N ASP A 267 3.16 -5.70 -18.60
CA ASP A 267 2.77 -6.81 -19.45
C ASP A 267 3.92 -7.21 -20.37
N HIS A 268 3.69 -8.24 -21.19
CA HIS A 268 4.81 -8.83 -21.92
C HIS A 268 5.41 -7.89 -22.97
N THR A 269 4.72 -6.81 -23.33
CA THR A 269 5.28 -5.79 -24.21
C THR A 269 6.08 -4.73 -23.47
N GLY A 270 6.17 -4.81 -22.15
CA GLY A 270 6.84 -3.77 -21.42
C GLY A 270 5.94 -2.63 -21.00
N ARG A 271 4.64 -2.74 -21.28
CA ARG A 271 3.69 -1.67 -20.98
C ARG A 271 3.28 -1.71 -19.50
N PHE A 272 3.29 -0.54 -18.86
CA PHE A 272 2.89 -0.41 -17.47
C PHE A 272 1.37 -0.47 -17.40
N ILE A 273 0.84 -1.25 -16.47
CA ILE A 273 -0.60 -1.41 -16.35
C ILE A 273 -1.09 -0.58 -15.16
N GLU A 274 -1.94 0.40 -15.46
CA GLU A 274 -2.52 1.30 -14.44
C GLU A 274 -3.20 0.47 -13.36
N GLY A 275 -2.81 0.71 -12.09
CA GLY A 275 -3.32 -0.12 -10.99
C GLY A 275 -4.82 -0.27 -10.96
N TYR A 276 -5.55 0.72 -11.49
CA TYR A 276 -7.00 0.66 -11.63
C TYR A 276 -7.48 -0.66 -12.25
N TYR A 277 -6.89 -1.09 -13.37
CA TYR A 277 -7.36 -2.30 -14.05
C TYR A 277 -7.01 -3.56 -13.27
N LEU A 278 -6.00 -3.53 -12.40
CA LEU A 278 -5.72 -4.73 -11.63
C LEU A 278 -6.81 -4.98 -10.58
N VAL A 279 -7.52 -3.94 -10.13
CA VAL A 279 -8.54 -4.13 -9.12
C VAL A 279 -9.66 -5.04 -9.64
N GLY A 280 -10.19 -4.72 -10.82
CA GLY A 280 -11.23 -5.55 -11.39
C GLY A 280 -10.73 -6.96 -11.69
N LEU A 281 -9.49 -7.07 -12.19
CA LEU A 281 -8.95 -8.37 -12.56
C LEU A 281 -8.69 -9.24 -11.33
N LEU A 282 -8.10 -8.66 -10.28
CA LEU A 282 -7.92 -9.41 -9.05
C LEU A 282 -9.25 -9.77 -8.43
N ALA A 283 -10.23 -8.87 -8.50
CA ALA A 283 -11.57 -9.17 -8.03
C ALA A 283 -12.10 -10.44 -8.67
N GLN A 284 -11.99 -10.54 -10.00
CA GLN A 284 -12.55 -11.70 -10.66
C GLN A 284 -11.79 -12.96 -10.28
N ALA A 285 -10.48 -12.86 -10.10
CA ALA A 285 -9.70 -14.02 -9.67
C ALA A 285 -10.20 -14.53 -8.32
N ILE A 286 -10.50 -13.61 -7.39
CA ILE A 286 -10.92 -13.96 -6.03
C ILE A 286 -12.34 -14.51 -6.02
N LEU A 287 -13.27 -13.81 -6.69
CA LEU A 287 -14.65 -14.29 -6.70
C LEU A 287 -14.80 -15.60 -7.46
N ALA A 288 -13.76 -16.04 -8.17
CA ALA A 288 -13.74 -17.40 -8.69
C ALA A 288 -13.59 -18.42 -7.57
N LYS A 289 -12.88 -18.06 -6.50
CA LYS A 289 -12.65 -18.93 -5.34
C LYS A 289 -13.67 -18.72 -4.22
N GLN A 290 -14.24 -17.52 -4.08
CA GLN A 290 -15.22 -17.22 -3.04
C GLN A 290 -16.40 -16.53 -3.71
N PRO A 291 -17.32 -17.30 -4.30
CA PRO A 291 -18.46 -16.69 -5.00
C PRO A 291 -19.30 -15.81 -4.08
N GLY A 292 -19.83 -14.73 -4.66
CA GLY A 292 -20.74 -13.85 -3.98
C GLY A 292 -20.12 -13.00 -2.91
N GLY A 293 -18.81 -12.84 -2.92
CA GLY A 293 -18.17 -12.01 -1.93
C GLY A 293 -18.36 -10.54 -2.22
N LYS A 294 -18.15 -9.74 -1.18
CA LYS A 294 -18.15 -8.30 -1.29
C LYS A 294 -16.74 -7.84 -1.61
N VAL A 295 -16.65 -6.78 -2.40
CA VAL A 295 -15.39 -6.21 -2.83
C VAL A 295 -15.41 -4.71 -2.54
N VAL A 296 -14.43 -4.25 -1.78
CA VAL A 296 -14.34 -2.84 -1.40
C VAL A 296 -13.45 -2.13 -2.41
N HIS A 297 -13.89 -0.97 -2.89
CA HIS A 297 -13.07 -0.20 -3.82
C HIS A 297 -13.21 1.28 -3.49
N ASP A 298 -12.28 2.08 -4.01
CA ASP A 298 -12.29 3.50 -3.70
C ASP A 298 -13.05 4.27 -4.78
N PRO A 299 -13.24 5.59 -4.62
CA PRO A 299 -14.15 6.28 -5.53
C PRO A 299 -13.48 7.00 -6.68
N ARG A 300 -12.14 7.01 -6.69
CA ARG A 300 -11.39 7.73 -7.72
C ARG A 300 -11.70 7.19 -9.12
N LEU A 301 -11.63 5.88 -9.28
CA LEU A 301 -11.93 5.22 -10.54
C LEU A 301 -12.78 4.02 -10.20
N THR A 302 -13.93 3.91 -10.87
CA THR A 302 -15.01 3.05 -10.38
C THR A 302 -15.61 2.16 -11.45
N TRP A 303 -15.87 2.69 -12.66
CA TRP A 303 -16.78 2.00 -13.57
C TRP A 303 -16.28 0.61 -13.92
N ASN A 304 -14.99 0.47 -14.22
CA ASN A 304 -14.50 -0.84 -14.62
C ASN A 304 -14.62 -1.84 -13.46
N THR A 305 -14.27 -1.40 -12.25
CA THR A 305 -14.31 -2.28 -11.09
C THR A 305 -15.72 -2.78 -10.83
N VAL A 306 -16.70 -1.87 -10.90
CA VAL A 306 -18.07 -2.24 -10.56
C VAL A 306 -18.59 -3.29 -11.53
N GLU A 307 -18.39 -3.07 -12.82
CA GLU A 307 -18.93 -3.98 -13.81
C GLU A 307 -18.26 -5.35 -13.75
N GLN A 308 -16.94 -5.38 -13.54
CA GLN A 308 -16.27 -6.66 -13.44
C GLN A 308 -16.68 -7.42 -12.17
N VAL A 309 -16.73 -6.74 -11.03
CA VAL A 309 -17.21 -7.38 -9.80
C VAL A 309 -18.59 -7.97 -10.03
N GLU A 310 -19.51 -7.18 -10.60
CA GLU A 310 -20.87 -7.69 -10.82
C GLU A 310 -20.90 -8.82 -11.84
N GLU A 311 -20.13 -8.70 -12.91
CA GLU A 311 -20.09 -9.78 -13.88
C GLU A 311 -19.67 -11.08 -13.24
N ALA A 312 -18.82 -11.01 -12.22
CA ALA A 312 -18.29 -12.19 -11.54
C ALA A 312 -19.18 -12.64 -10.38
N GLY A 313 -20.35 -12.04 -10.22
CA GLY A 313 -21.25 -12.44 -9.15
C GLY A 313 -21.00 -11.81 -7.81
N GLY A 314 -20.13 -10.80 -7.74
CA GLY A 314 -19.80 -10.16 -6.48
C GLY A 314 -20.66 -8.94 -6.20
N ILE A 315 -20.35 -8.29 -5.07
CA ILE A 315 -21.03 -7.09 -4.63
C ILE A 315 -20.00 -5.97 -4.48
N PRO A 316 -20.09 -4.89 -5.26
CA PRO A 316 -19.17 -3.76 -5.10
C PRO A 316 -19.60 -2.85 -3.95
N VAL A 317 -18.63 -2.44 -3.14
CA VAL A 317 -18.86 -1.64 -1.93
C VAL A 317 -17.91 -0.46 -1.94
N LEU A 318 -18.45 0.74 -2.08
CA LEU A 318 -17.64 1.93 -2.25
C LEU A 318 -17.08 2.37 -0.90
N CYS A 319 -15.82 2.82 -0.91
CA CYS A 319 -15.21 3.30 0.32
C CYS A 319 -14.27 4.44 0.00
N LYS A 320 -14.23 5.41 0.91
CA LYS A 320 -13.24 6.48 0.86
C LYS A 320 -11.83 5.91 0.78
N SER A 321 -11.00 6.54 -0.06
CA SER A 321 -9.66 6.01 -0.27
C SER A 321 -8.79 6.24 0.95
N GLY A 322 -7.69 5.51 1.01
CA GLY A 322 -6.80 5.58 2.17
C GLY A 322 -6.84 4.24 2.86
N HIS A 323 -5.67 3.69 3.21
CA HIS A 323 -5.65 2.29 3.65
C HIS A 323 -6.40 2.08 4.98
N ALA A 324 -6.37 3.05 5.90
CA ALA A 324 -7.07 2.86 7.16
C ALA A 324 -8.57 2.75 6.95
N PHE A 325 -9.13 3.48 5.97
CA PHE A 325 -10.56 3.39 5.71
C PHE A 325 -10.92 2.07 5.03
N ILE A 326 -10.10 1.63 4.08
CA ILE A 326 -10.39 0.40 3.34
C ILE A 326 -10.45 -0.79 4.29
N LYS A 327 -9.46 -0.90 5.18
CA LYS A 327 -9.39 -2.05 6.09
C LYS A 327 -10.61 -2.11 6.99
N GLU A 328 -11.13 -0.97 7.43
CA GLU A 328 -12.24 -0.95 8.36
C GLU A 328 -13.54 -1.31 7.65
N LYS A 329 -13.76 -0.76 6.46
CA LYS A 329 -14.92 -1.12 5.65
C LYS A 329 -14.91 -2.62 5.36
N MET A 330 -13.72 -3.19 5.13
CA MET A 330 -13.63 -4.60 4.81
C MET A 330 -13.97 -5.47 6.01
N ARG A 331 -13.45 -5.13 7.19
CA ARG A 331 -13.84 -5.81 8.43
C ARG A 331 -15.33 -5.73 8.64
N SER A 332 -15.86 -4.51 8.56
CA SER A 332 -17.24 -4.32 8.92
CA SER A 332 -17.26 -4.26 8.89
C SER A 332 -18.19 -4.94 7.91
N GLU A 333 -17.76 -5.17 6.67
CA GLU A 333 -18.59 -5.81 5.67
C GLU A 333 -18.20 -7.26 5.42
N ASN A 334 -17.13 -7.75 6.05
CA ASN A 334 -16.62 -9.10 5.79
C ASN A 334 -16.28 -9.26 4.31
N ALA A 335 -15.65 -8.23 3.73
CA ALA A 335 -15.30 -8.24 2.32
C ALA A 335 -14.16 -9.20 2.07
N VAL A 336 -14.27 -9.99 1.00
CA VAL A 336 -13.22 -10.93 0.68
C VAL A 336 -11.99 -10.21 0.12
N TYR A 337 -12.17 -9.08 -0.54
CA TYR A 337 -11.10 -8.42 -1.25
C TYR A 337 -11.40 -6.93 -1.37
N GLY A 338 -10.35 -6.11 -1.32
CA GLY A 338 -10.49 -4.69 -1.56
C GLY A 338 -9.28 -4.20 -2.33
N GLY A 339 -9.49 -3.09 -3.05
CA GLY A 339 -8.46 -2.59 -3.94
C GLY A 339 -8.50 -1.09 -4.16
N GLU A 340 -7.34 -0.44 -4.12
CA GLU A 340 -7.28 0.95 -4.50
C GLU A 340 -6.54 1.06 -5.82
N MET A 341 -6.81 2.13 -6.56
N MET A 341 -6.81 2.14 -6.54
CA MET A 341 -6.10 2.36 -7.81
CA MET A 341 -6.11 2.36 -7.80
C MET A 341 -4.64 2.74 -7.58
C MET A 341 -4.65 2.75 -7.58
N SER A 342 -4.26 3.03 -6.33
CA SER A 342 -2.89 3.37 -5.96
C SER A 342 -2.01 2.15 -5.67
N ALA A 343 -2.39 0.96 -6.15
CA ALA A 343 -1.61 -0.28 -6.10
C ALA A 343 -1.58 -0.89 -4.70
N HIS A 344 -2.61 -0.66 -3.91
CA HIS A 344 -2.77 -1.36 -2.64
C HIS A 344 -3.87 -2.41 -2.81
N HIS A 345 -3.55 -3.64 -2.44
CA HIS A 345 -4.49 -4.74 -2.57
C HIS A 345 -4.63 -5.44 -1.23
N TYR A 346 -5.88 -5.67 -0.83
CA TYR A 346 -6.27 -6.06 0.51
C TYR A 346 -7.03 -7.39 0.47
N PHE A 347 -6.73 -8.28 1.41
CA PHE A 347 -7.28 -9.63 1.38
C PHE A 347 -7.79 -10.02 2.77
N ARG A 348 -9.04 -10.48 2.83
CA ARG A 348 -9.66 -10.82 4.10
C ARG A 348 -8.82 -11.85 4.86
N GLU A 349 -8.45 -12.94 4.18
CA GLU A 349 -7.66 -14.00 4.79
C GLU A 349 -6.29 -13.52 5.21
N PHE A 350 -5.87 -12.35 4.75
CA PHE A 350 -4.63 -11.74 5.17
C PHE A 350 -4.90 -10.70 6.24
N ALA A 351 -5.66 -11.09 7.26
CA ALA A 351 -6.00 -10.19 8.36
C ALA A 351 -6.61 -8.88 7.84
N TYR A 352 -7.32 -8.96 6.71
CA TYR A 352 -7.93 -7.77 6.11
C TYR A 352 -6.87 -6.74 5.76
N ALA A 353 -5.65 -7.17 5.49
CA ALA A 353 -4.54 -6.27 5.34
C ALA A 353 -4.03 -6.29 3.91
N ASP A 354 -3.18 -5.33 3.59
CA ASP A 354 -2.63 -5.29 2.24
C ASP A 354 -1.33 -6.08 2.17
N SER A 355 -1.11 -6.69 0.99
CA SER A 355 0.08 -7.46 0.65
C SER A 355 0.54 -7.06 -0.74
N GLY A 356 1.85 -6.93 -0.91
CA GLY A 356 2.38 -6.72 -2.24
C GLY A 356 2.80 -7.99 -2.93
N MET A 357 2.61 -9.14 -2.27
CA MET A 357 3.03 -10.44 -2.78
C MET A 357 1.85 -11.26 -3.30
N ILE A 358 0.77 -11.30 -2.55
CA ILE A 358 -0.41 -12.05 -2.99
C ILE A 358 -0.87 -11.65 -4.40
N PRO A 359 -1.04 -10.34 -4.72
CA PRO A 359 -1.46 -9.98 -6.10
C PRO A 359 -0.73 -10.72 -7.23
N TRP A 360 0.60 -10.75 -7.21
CA TRP A 360 1.26 -11.30 -8.40
C TRP A 360 1.16 -12.83 -8.44
N LEU A 361 1.07 -13.49 -7.28
CA LEU A 361 0.75 -14.91 -7.25
C LEU A 361 -0.63 -15.19 -7.85
N LEU A 362 -1.62 -14.37 -7.51
CA LEU A 362 -2.94 -14.56 -8.11
C LEU A 362 -2.92 -14.35 -9.62
N ILE A 363 -2.23 -13.30 -10.09
CA ILE A 363 -2.13 -13.04 -11.53
C ILE A 363 -1.37 -14.17 -12.22
N ALA A 364 -0.28 -14.65 -11.61
CA ALA A 364 0.47 -15.75 -12.22
C ALA A 364 -0.42 -16.97 -12.39
N GLU A 365 -1.32 -17.22 -11.43
CA GLU A 365 -2.23 -18.35 -11.53
C GLU A 365 -3.24 -18.15 -12.64
N LEU A 366 -3.73 -16.93 -12.75
CA LEU A 366 -4.68 -16.57 -13.80
C LEU A 366 -4.08 -16.83 -15.17
N VAL A 367 -2.90 -16.25 -15.44
CA VAL A 367 -2.25 -16.46 -16.73
C VAL A 367 -2.02 -17.96 -16.97
N SER A 368 -1.55 -18.67 -15.93
CA SER A 368 -1.27 -20.10 -16.11
C SER A 368 -2.52 -20.87 -16.46
N GLN A 369 -3.65 -20.50 -15.87
CA GLN A 369 -4.86 -21.30 -16.00
C GLN A 369 -5.66 -20.92 -17.23
N SER A 370 -5.70 -19.64 -17.56
CA SER A 370 -6.47 -19.18 -18.70
C SER A 370 -5.75 -19.37 -20.02
N GLY A 371 -4.42 -19.46 -20.03
CA GLY A 371 -3.69 -19.42 -21.28
C GLY A 371 -3.73 -18.06 -21.96
N ARG A 372 -4.04 -17.02 -21.21
CA ARG A 372 -4.09 -15.67 -21.74
C ARG A 372 -2.93 -14.87 -21.16
N SER A 373 -2.37 -14.00 -21.97
CA SER A 373 -1.36 -13.10 -21.46
C SER A 373 -2.03 -12.08 -20.55
N LEU A 374 -1.20 -11.46 -19.70
CA LEU A 374 -1.73 -10.39 -18.86
C LEU A 374 -2.24 -9.24 -19.72
N ALA A 375 -1.55 -8.95 -20.82
CA ALA A 375 -1.97 -7.91 -21.74
C ALA A 375 -3.37 -8.17 -22.28
N ASP A 376 -3.67 -9.40 -22.65
CA ASP A 376 -4.97 -9.67 -23.23
C ASP A 376 -6.06 -9.71 -22.16
N LEU A 377 -5.72 -10.09 -20.93
CA LEU A 377 -6.69 -10.03 -19.84
C LEU A 377 -7.20 -8.60 -19.59
N VAL A 378 -6.35 -7.59 -19.76
CA VAL A 378 -6.76 -6.21 -19.44
C VAL A 378 -7.11 -5.40 -20.69
N GLU A 379 -6.65 -5.80 -21.87
CA GLU A 379 -6.75 -4.99 -23.07
C GLU A 379 -8.14 -4.40 -23.26
N ALA A 380 -9.16 -5.26 -23.30
CA ALA A 380 -10.51 -4.77 -23.57
C ALA A 380 -11.03 -3.90 -22.45
N ARG A 381 -10.57 -4.13 -21.22
CA ARG A 381 -11.00 -3.25 -20.11
C ARG A 381 -10.44 -1.84 -20.30
N MET A 382 -9.19 -1.75 -20.72
CA MET A 382 -8.58 -0.44 -20.91
C MET A 382 -9.23 0.32 -22.06
N GLN A 383 -9.65 -0.38 -23.10
CA GLN A 383 -10.36 0.31 -24.18
C GLN A 383 -11.79 0.63 -23.78
N LYS A 384 -12.38 -0.21 -22.93
CA LYS A 384 -13.76 0.03 -22.51
C LYS A 384 -13.84 1.20 -21.54
N PHE A 385 -12.83 1.40 -20.69
CA PHE A 385 -12.85 2.45 -19.67
C PHE A 385 -11.49 3.10 -19.56
N PRO A 386 -11.11 3.87 -20.56
CA PRO A 386 -9.83 4.60 -20.46
C PRO A 386 -9.87 5.60 -19.31
N CYS A 387 -8.74 5.75 -18.63
CA CYS A 387 -8.61 6.67 -17.52
C CYS A 387 -7.38 7.53 -17.74
N SER A 388 -7.32 8.65 -17.04
CA SER A 388 -6.22 9.59 -17.16
C SER A 388 -5.01 9.19 -16.33
N GLY A 389 -5.18 8.29 -15.38
CA GLY A 389 -4.23 8.14 -14.31
C GLY A 389 -4.30 9.33 -13.35
N GLU A 390 -3.71 9.13 -12.19
CA GLU A 390 -3.76 10.16 -11.17
C GLU A 390 -2.83 11.31 -11.53
N ILE A 391 -3.40 12.52 -11.54
CA ILE A 391 -2.70 13.75 -11.85
C ILE A 391 -2.77 14.64 -10.63
N ASN A 392 -1.61 15.11 -10.14
CA ASN A 392 -1.54 15.89 -8.92
C ASN A 392 -1.28 17.36 -9.23
N PHE A 393 -1.79 18.25 -8.37
CA PHE A 393 -1.66 19.69 -8.53
C PHE A 393 -1.28 20.36 -7.21
N LYS A 394 -0.27 21.23 -7.26
CA LYS A 394 -0.06 22.29 -6.27
C LYS A 394 -0.66 23.56 -6.84
N VAL A 395 -1.70 24.08 -6.20
CA VAL A 395 -2.37 25.28 -6.65
C VAL A 395 -2.34 26.31 -5.53
N ALA A 396 -2.67 27.55 -5.88
CA ALA A 396 -2.63 28.63 -4.89
C ALA A 396 -3.74 28.45 -3.87
N ASP A 397 -4.97 28.37 -4.33
CA ASP A 397 -6.13 28.22 -3.48
C ASP A 397 -6.82 26.95 -3.94
N ALA A 398 -6.66 25.86 -3.20
CA ALA A 398 -7.34 24.62 -3.59
C ALA A 398 -8.85 24.81 -3.64
N LYS A 399 -9.41 25.59 -2.72
CA LYS A 399 -10.85 25.83 -2.72
C LYS A 399 -11.27 26.55 -4.00
N ALA A 400 -10.62 27.69 -4.28
CA ALA A 400 -10.97 28.47 -5.47
C ALA A 400 -10.77 27.68 -6.75
N SER A 401 -9.75 26.83 -6.80
CA SER A 401 -9.54 25.95 -7.95
C SER A 401 -10.73 25.01 -8.12
N VAL A 402 -11.13 24.34 -7.03
CA VAL A 402 -12.25 23.42 -7.09
C VAL A 402 -13.52 24.17 -7.46
N ALA A 403 -13.72 25.35 -6.86
CA ALA A 403 -14.86 26.18 -7.22
C ALA A 403 -14.91 26.44 -8.73
N ARG A 404 -13.77 26.75 -9.34
CA ARG A 404 -13.79 27.05 -10.76
C ARG A 404 -14.27 25.87 -11.59
N VAL A 405 -13.78 24.66 -11.25
CA VAL A 405 -14.19 23.46 -11.99
C VAL A 405 -15.70 23.26 -11.87
N MET A 406 -16.21 23.27 -10.64
CA MET A 406 -17.63 23.05 -10.43
C MET A 406 -18.49 24.11 -11.13
N GLU A 407 -18.05 25.36 -11.08
CA GLU A 407 -18.71 26.41 -11.84
C GLU A 407 -18.80 26.01 -13.31
N HIS A 408 -17.65 25.74 -13.92
CA HIS A 408 -17.57 25.53 -15.35
C HIS A 408 -18.50 24.42 -15.83
N TYR A 409 -18.73 23.39 -15.01
CA TYR A 409 -19.47 22.22 -15.44
C TYR A 409 -20.88 22.16 -14.90
N ALA A 410 -21.28 23.11 -14.04
CA ALA A 410 -22.59 23.05 -13.42
C ALA A 410 -23.73 23.07 -14.44
N SER A 411 -23.54 23.73 -15.57
CA SER A 411 -24.60 23.82 -16.55
C SER A 411 -24.85 22.49 -17.30
N LEU A 412 -24.17 21.41 -16.94
CA LEU A 412 -24.41 20.10 -17.53
C LEU A 412 -25.10 19.15 -16.57
N SER A 413 -25.34 19.59 -15.34
CA SER A 413 -26.04 18.80 -14.33
C SER A 413 -25.38 17.44 -14.08
N PRO A 414 -24.15 17.41 -13.58
CA PRO A 414 -23.54 16.12 -13.24
C PRO A 414 -24.12 15.56 -11.95
N GLU A 415 -24.16 14.22 -11.90
CA GLU A 415 -24.49 13.54 -10.65
C GLU A 415 -23.30 13.64 -9.72
N LEU A 416 -23.51 14.17 -8.51
CA LEU A 416 -22.41 14.45 -7.59
C LEU A 416 -22.40 13.48 -6.43
N ASP A 417 -21.21 13.23 -5.90
CA ASP A 417 -21.00 12.34 -4.77
C ASP A 417 -19.82 12.87 -3.97
N TYR A 418 -19.98 12.98 -2.66
CA TYR A 418 -18.93 13.57 -1.84
C TYR A 418 -18.28 12.56 -0.90
N THR A 419 -18.42 11.26 -1.20
CA THR A 419 -17.79 10.22 -0.42
C THR A 419 -16.33 10.52 -0.15
N ASP A 420 -15.65 11.15 -1.10
CA ASP A 420 -14.20 11.31 -1.00
C ASP A 420 -13.83 12.47 -1.95
N GLY A 421 -13.88 13.68 -1.42
CA GLY A 421 -13.75 14.81 -2.32
C GLY A 421 -15.01 14.92 -3.15
N ILE A 422 -14.84 15.21 -4.43
CA ILE A 422 -15.99 15.37 -5.31
C ILE A 422 -15.85 14.39 -6.46
N SER A 423 -16.87 13.57 -6.66
CA SER A 423 -17.04 12.80 -7.88
C SER A 423 -18.20 13.39 -8.66
N ALA A 424 -18.01 13.57 -9.97
CA ALA A 424 -19.03 14.12 -10.86
C ALA A 424 -19.22 13.18 -12.02
N ASP A 425 -20.42 12.61 -12.15
CA ASP A 425 -20.73 11.70 -13.23
C ASP A 425 -21.57 12.44 -14.26
N PHE A 426 -21.07 12.51 -15.49
CA PHE A 426 -21.72 13.19 -16.59
C PHE A 426 -22.38 12.23 -17.57
N GLY A 427 -22.43 10.94 -17.25
CA GLY A 427 -23.00 9.99 -18.19
C GLY A 427 -21.92 9.24 -18.95
N GLN A 428 -21.29 9.91 -19.91
CA GLN A 428 -20.22 9.31 -20.70
C GLN A 428 -18.83 9.49 -20.10
N TRP A 429 -18.69 10.31 -19.07
CA TRP A 429 -17.41 10.54 -18.42
C TRP A 429 -17.68 11.01 -17.00
N ARG A 430 -16.65 10.94 -16.18
CA ARG A 430 -16.73 11.27 -14.78
C ARG A 430 -15.33 11.66 -14.31
N PHE A 431 -15.26 12.33 -13.18
CA PHE A 431 -13.97 12.53 -12.55
C PHE A 431 -14.13 12.54 -11.04
N ASN A 432 -13.02 12.34 -10.36
CA ASN A 432 -12.94 12.52 -8.92
C ASN A 432 -11.86 13.53 -8.68
N LEU A 433 -12.13 14.44 -7.76
CA LEU A 433 -11.17 15.48 -7.41
C LEU A 433 -11.17 15.55 -5.90
N ARG A 434 -10.01 15.45 -5.29
CA ARG A 434 -9.96 15.37 -3.84
C ARG A 434 -8.61 15.85 -3.36
N SER A 435 -8.60 16.53 -2.22
CA SER A 435 -7.35 16.85 -1.54
C SER A 435 -6.74 15.58 -0.95
N SER A 436 -5.41 15.53 -0.96
CA SER A 436 -4.68 14.44 -0.34
C SER A 436 -4.65 14.62 1.17
N ASN A 437 -4.71 13.50 1.88
CA ASN A 437 -4.60 13.49 3.33
C ASN A 437 -3.17 13.32 3.80
N THR A 438 -2.22 13.21 2.86
CA THR A 438 -0.82 13.04 3.21
C THR A 438 0.10 14.05 2.54
N GLU A 439 -0.37 14.78 1.53
CA GLU A 439 0.36 15.87 0.92
C GLU A 439 -0.60 17.01 0.66
N PRO A 440 -0.11 18.26 0.57
CA PRO A 440 -1.00 19.38 0.21
C PRO A 440 -1.21 19.50 -1.30
N LEU A 441 -1.73 18.42 -1.88
CA LEU A 441 -2.00 18.35 -3.31
C LEU A 441 -3.49 18.15 -3.54
N LEU A 442 -3.94 18.60 -4.71
CA LEU A 442 -5.17 18.11 -5.30
C LEU A 442 -4.83 16.95 -6.22
N ARG A 443 -5.61 15.86 -6.13
CA ARG A 443 -5.45 14.70 -6.99
C ARG A 443 -6.66 14.58 -7.90
N LEU A 444 -6.40 14.50 -9.21
CA LEU A 444 -7.42 14.34 -10.25
C LEU A 444 -7.36 12.96 -10.89
N ASN A 445 -8.53 12.33 -11.06
CA ASN A 445 -8.69 11.13 -11.88
C ASN A 445 -9.91 11.29 -12.76
N VAL A 446 -9.77 10.99 -14.06
CA VAL A 446 -10.83 11.08 -15.07
C VAL A 446 -10.98 9.73 -15.78
N GLU A 447 -12.20 9.39 -16.17
CA GLU A 447 -12.39 8.22 -17.02
C GLU A 447 -13.63 8.40 -17.88
N THR A 448 -13.65 7.71 -19.02
CA THR A 448 -14.77 7.77 -19.95
C THR A 448 -15.23 6.37 -20.28
N ARG A 449 -16.36 6.30 -20.96
CA ARG A 449 -16.90 5.05 -21.48
C ARG A 449 -16.37 4.87 -22.89
N GLY A 450 -15.16 4.32 -22.99
CA GLY A 450 -14.64 3.93 -24.28
C GLY A 450 -14.36 5.07 -25.23
N ASP A 451 -14.06 6.27 -24.72
CA ASP A 451 -13.82 7.43 -25.59
C ASP A 451 -12.54 8.14 -25.16
N ALA A 452 -11.45 7.86 -25.89
CA ALA A 452 -10.14 8.36 -25.52
C ALA A 452 -9.98 9.82 -25.87
N ALA A 453 -10.65 10.28 -26.92
CA ALA A 453 -10.59 11.70 -27.26
C ALA A 453 -11.31 12.53 -26.22
N LEU A 454 -12.49 12.09 -25.79
CA LEU A 454 -13.20 12.77 -24.73
C LEU A 454 -12.36 12.77 -23.46
N LEU A 455 -11.68 11.66 -23.18
CA LEU A 455 -10.81 11.61 -22.00
C LEU A 455 -9.77 12.72 -22.04
N GLU A 456 -9.09 12.86 -23.18
CA GLU A 456 -8.01 13.84 -23.26
C GLU A 456 -8.55 15.27 -23.17
N THR A 457 -9.60 15.58 -23.93
CA THR A 457 -10.18 16.91 -23.87
C THR A 457 -10.57 17.29 -22.45
N ARG A 458 -11.37 16.47 -21.81
CA ARG A 458 -11.84 16.81 -20.47
C ARG A 458 -10.68 16.93 -19.47
N THR A 459 -9.66 16.07 -19.58
CA THR A 459 -8.51 16.15 -18.68
C THR A 459 -7.72 17.44 -18.91
N GLN A 460 -7.55 17.86 -20.17
CA GLN A 460 -6.86 19.12 -20.39
C GLN A 460 -7.71 20.28 -19.90
N GLU A 461 -9.00 20.24 -20.21
CA GLU A 461 -9.88 21.33 -19.82
C GLU A 461 -9.93 21.48 -18.30
N ILE A 462 -9.99 20.37 -17.56
CA ILE A 462 -10.02 20.46 -16.10
C ILE A 462 -8.69 20.96 -15.57
N SER A 463 -7.59 20.42 -16.12
CA SER A 463 -6.27 20.90 -15.75
C SER A 463 -6.19 22.42 -15.88
N ASN A 464 -6.78 22.97 -16.95
CA ASN A 464 -6.70 24.42 -17.16
C ASN A 464 -7.47 25.16 -16.09
N LEU A 465 -8.67 24.70 -15.77
CA LEU A 465 -9.45 25.38 -14.74
C LEU A 465 -8.72 25.34 -13.41
N LEU A 466 -8.07 24.21 -13.10
CA LEU A 466 -7.36 24.05 -11.84
C LEU A 466 -6.22 25.05 -11.71
N ARG A 467 -5.38 25.17 -12.73
CA ARG A 467 -4.20 26.02 -12.66
C ARG A 467 -4.54 27.50 -12.75
N GLY A 468 -5.53 27.84 -13.57
CA GLY A 468 -5.82 29.22 -13.91
C GLY A 468 -6.28 30.07 -12.74
CA CA B . 4.89 1.21 0.69
C1 GPM C . -2.31 7.77 -0.42
C2 GPM C . -2.99 6.91 -1.46
C3 GPM C . -3.92 5.94 -0.79
C4 GPM C . -3.14 5.00 0.10
C5 GPM C . -2.33 5.84 1.13
C6 GPM C . -1.47 4.99 2.03
C7 GPM C . -3.29 8.52 0.43
O2 GPM C . -3.73 7.70 -2.37
O3 GPM C . -4.72 5.23 -1.78
O4 GPM C . -4.06 4.12 0.79
O5 GPM C . -1.48 6.88 0.47
O6 GPM C . -0.36 4.45 1.30
P GPM C . -3.60 10.28 -0.16
O1P GPM C . -4.58 10.98 0.72
O2P GPM C . -4.16 10.24 -1.59
O3P GPM C . -2.27 10.99 -0.12
#